data_4UZ0
#
_entry.id   4UZ0
#
_cell.length_a   99.351
_cell.length_b   99.351
_cell.length_c   51.102
_cell.angle_alpha   90.00
_cell.angle_beta   90.00
_cell.angle_gamma   120.00
#
_symmetry.space_group_name_H-M   'P 65'
#
loop_
_entity.id
_entity.type
_entity.pdbx_description
1 polymer 'NUCLEOLAR PROTEIN 3'
2 non-polymer GLYCEROL
3 water water
#
_entity_poly.entity_id   1
_entity_poly.type   'polypeptide(L)'
_entity_poly.pdbx_seq_one_letter_code
;(MSE)GNAQERPSETIDRER(MSE)RLVETLQADSGLLLDALLARGVLTGPEYEALDALPDAERRVRRLLLLVQGKGEAA
CQELLRCAQRTAGAPDPAWDWQH
;
_entity_poly.pdbx_strand_id   A,B
#
# COMPACT_ATOMS: atom_id res chain seq x y z
N GLN A 5 -6.39 -16.77 13.03
CA GLN A 5 -5.83 -16.86 11.70
C GLN A 5 -5.24 -15.51 11.24
N GLU A 6 -5.81 -14.92 10.18
CA GLU A 6 -5.30 -13.68 9.60
C GLU A 6 -5.65 -12.44 10.42
N ARG A 7 -4.63 -11.65 10.76
CA ARG A 7 -4.86 -10.33 11.35
C ARG A 7 -5.52 -9.38 10.35
N PRO A 8 -6.45 -8.54 10.83
CA PRO A 8 -7.08 -7.55 9.96
C PRO A 8 -6.06 -6.72 9.17
N SER A 9 -4.98 -6.29 9.80
CA SER A 9 -3.96 -5.54 9.08
C SER A 9 -3.33 -6.38 7.95
N GLU A 10 -3.31 -7.70 8.13
CA GLU A 10 -2.75 -8.58 7.11
C GLU A 10 -3.75 -8.75 5.99
N THR A 11 -5.02 -8.71 6.35
CA THR A 11 -6.07 -8.80 5.35
C THR A 11 -5.96 -7.60 4.42
N ILE A 12 -5.70 -6.45 5.02
CA ILE A 12 -5.60 -5.23 4.24
C ILE A 12 -4.36 -5.30 3.34
N ASP A 13 -3.27 -5.83 3.86
CA ASP A 13 -2.04 -5.94 3.07
C ASP A 13 -2.22 -6.85 1.88
N ARG A 14 -2.84 -8.00 2.10
CA ARG A 14 -3.09 -8.96 1.03
C ARG A 14 -4.15 -8.46 0.03
N GLU A 15 -5.17 -7.78 0.53
CA GLU A 15 -6.27 -7.35 -0.34
C GLU A 15 -6.11 -5.92 -0.84
N ARG A 16 -4.94 -5.31 -0.60
CA ARG A 16 -4.74 -3.89 -0.87
C ARG A 16 -5.24 -3.47 -2.25
N ARG A 18 -7.44 -4.99 -4.38
CA ARG A 18 -8.87 -5.13 -4.53
C ARG A 18 -9.60 -4.01 -3.76
N LEU A 19 -9.14 -3.74 -2.53
CA LEU A 19 -9.77 -2.69 -1.73
C LEU A 19 -9.63 -1.36 -2.44
N VAL A 20 -8.43 -1.12 -2.96
CA VAL A 20 -8.16 0.16 -3.60
C VAL A 20 -9.00 0.28 -4.86
N GLU A 21 -9.18 -0.82 -5.57
CA GLU A 21 -10.01 -0.77 -6.77
C GLU A 21 -11.51 -0.67 -6.46
N THR A 22 -12.01 -1.41 -5.48
CA THR A 22 -13.46 -1.48 -5.26
C THR A 22 -14.00 -0.37 -4.35
N LEU A 23 -13.13 0.35 -3.65
CA LEU A 23 -13.59 1.33 -2.69
C LEU A 23 -13.54 2.76 -3.22
N GLN A 24 -12.86 2.98 -4.35
CA GLN A 24 -12.66 4.31 -4.91
C GLN A 24 -13.94 5.09 -5.12
N ALA A 25 -14.89 4.46 -5.80
CA ALA A 25 -16.12 5.14 -6.21
C ALA A 25 -16.85 5.71 -5.00
N ASP A 26 -16.82 4.99 -3.89
CA ASP A 26 -17.60 5.41 -2.73
C ASP A 26 -16.73 5.76 -1.52
N SER A 27 -15.52 6.25 -1.79
CA SER A 27 -14.57 6.49 -0.71
C SER A 27 -15.07 7.58 0.25
N GLY A 28 -15.75 8.57 -0.28
CA GLY A 28 -16.36 9.61 0.54
C GLY A 28 -17.28 9.01 1.58
N LEU A 29 -18.19 8.16 1.15
CA LEU A 29 -19.10 7.50 2.09
C LEU A 29 -18.34 6.68 3.12
N LEU A 30 -17.24 6.07 2.70
CA LEU A 30 -16.41 5.26 3.61
C LEU A 30 -15.78 6.16 4.66
N LEU A 31 -15.24 7.29 4.21
CA LEU A 31 -14.69 8.29 5.14
C LEU A 31 -15.73 8.70 6.15
N ASP A 32 -16.95 8.97 5.64
CA ASP A 32 -18.05 9.38 6.52
C ASP A 32 -18.34 8.29 7.55
N ALA A 33 -18.52 7.06 7.07
CA ALA A 33 -18.80 5.95 7.98
C ALA A 33 -17.71 5.79 9.05
N LEU A 34 -16.46 6.03 8.69
CA LEU A 34 -15.36 5.82 9.63
C LEU A 34 -15.21 6.98 10.60
N LEU A 35 -15.54 8.19 10.15
CA LEU A 35 -15.55 9.32 11.07
C LEU A 35 -16.65 9.10 12.10
N ALA A 36 -17.80 8.64 11.64
CA ALA A 36 -18.95 8.48 12.54
C ALA A 36 -18.72 7.34 13.53
N ARG A 37 -17.72 6.51 13.26
CA ARG A 37 -17.37 5.43 14.20
C ARG A 37 -16.16 5.73 15.06
N GLY A 38 -15.62 6.94 14.95
CA GLY A 38 -14.47 7.31 15.77
C GLY A 38 -13.11 6.87 15.24
N VAL A 39 -13.09 6.04 14.21
CA VAL A 39 -11.83 5.55 13.64
C VAL A 39 -10.96 6.67 13.05
N LEU A 40 -11.59 7.61 12.37
CA LEU A 40 -10.89 8.80 11.90
C LEU A 40 -11.15 9.98 12.84
N THR A 41 -10.13 10.83 13.03
CA THR A 41 -10.39 12.15 13.60
C THR A 41 -10.94 13.10 12.53
N GLY A 42 -11.52 14.21 12.98
CA GLY A 42 -11.95 15.28 12.07
C GLY A 42 -10.89 15.73 11.10
N PRO A 43 -9.72 16.12 11.61
CA PRO A 43 -8.61 16.50 10.73
C PRO A 43 -8.18 15.39 9.77
N GLU A 44 -8.15 14.15 10.26
CA GLU A 44 -7.80 13.03 9.38
C GLU A 44 -8.82 12.98 8.25
N TYR A 45 -10.09 13.03 8.61
CA TYR A 45 -11.17 12.97 7.65
C TYR A 45 -11.13 14.12 6.62
N GLU A 46 -10.83 15.34 7.08
CA GLU A 46 -10.73 16.48 6.16
C GLU A 46 -9.59 16.31 5.20
N ALA A 47 -8.43 15.93 5.73
CA ALA A 47 -7.26 15.72 4.90
C ALA A 47 -7.58 14.71 3.79
N LEU A 48 -8.23 13.62 4.15
CA LEU A 48 -8.54 12.58 3.18
C LEU A 48 -9.66 12.99 2.21
N ASP A 49 -10.74 13.57 2.74
CA ASP A 49 -11.81 14.04 1.88
C ASP A 49 -11.35 15.08 0.84
N ALA A 50 -10.30 15.83 1.19
CA ALA A 50 -9.80 16.90 0.30
C ALA A 50 -8.88 16.41 -0.82
N LEU A 51 -8.37 15.19 -0.70
CA LEU A 51 -7.59 14.59 -1.79
C LEU A 51 -8.42 14.43 -3.04
N PRO A 52 -7.99 15.04 -4.14
CA PRO A 52 -8.78 14.97 -5.37
C PRO A 52 -8.69 13.59 -6.04
N ASP A 53 -7.60 12.89 -5.81
CA ASP A 53 -7.41 11.55 -6.36
C ASP A 53 -8.01 10.47 -5.44
N ALA A 54 -9.07 9.80 -5.90
CA ALA A 54 -9.82 8.88 -5.06
C ALA A 54 -9.05 7.59 -4.81
N GLU A 55 -8.24 7.18 -5.77
CA GLU A 55 -7.36 6.04 -5.56
C GLU A 55 -6.31 6.31 -4.48
N ARG A 56 -5.67 7.49 -4.54
CA ARG A 56 -4.69 7.83 -3.52
C ARG A 56 -5.38 7.99 -2.19
N ARG A 57 -6.62 8.46 -2.25
CA ARG A 57 -7.43 8.63 -1.07
C ARG A 57 -7.65 7.29 -0.35
N VAL A 58 -8.03 6.28 -1.11
CA VAL A 58 -8.20 4.97 -0.51
C VAL A 58 -6.85 4.40 -0.04
N ARG A 59 -5.83 4.54 -0.87
CA ARG A 59 -4.51 4.01 -0.52
C ARG A 59 -4.01 4.61 0.79
N ARG A 60 -4.25 5.90 0.98
CA ARG A 60 -3.78 6.55 2.19
C ARG A 60 -4.63 6.24 3.42
N LEU A 61 -5.93 6.06 3.21
CA LEU A 61 -6.84 5.60 4.26
C LEU A 61 -6.35 4.25 4.78
N LEU A 62 -6.04 3.35 3.86
CA LEU A 62 -5.59 2.01 4.23
C LEU A 62 -4.32 2.07 5.06
N LEU A 63 -3.37 2.92 4.65
CA LEU A 63 -2.14 3.07 5.42
C LEU A 63 -2.41 3.70 6.77
N LEU A 64 -3.25 4.72 6.79
CA LEU A 64 -3.59 5.42 8.04
C LEU A 64 -4.23 4.46 9.03
N VAL A 65 -5.06 3.58 8.50
CA VAL A 65 -5.78 2.64 9.32
C VAL A 65 -4.86 1.50 9.78
N GLN A 66 -3.98 1.01 8.91
CA GLN A 66 -2.96 0.06 9.37
C GLN A 66 -2.08 0.64 10.47
N GLY A 67 -1.71 1.91 10.38
CA GLY A 67 -0.94 2.52 11.42
C GLY A 67 -1.68 2.64 12.76
N LYS A 68 -3.01 2.63 12.75
CA LYS A 68 -3.77 2.72 14.01
C LYS A 68 -3.98 1.35 14.67
N GLY A 69 -3.63 0.27 13.96
CA GLY A 69 -3.75 -1.06 14.54
C GLY A 69 -4.98 -1.84 14.11
N GLU A 70 -5.12 -3.02 14.73
CA GLU A 70 -6.04 -4.06 14.28
C GLU A 70 -7.52 -3.71 14.37
N ALA A 71 -7.93 -3.08 15.47
CA ALA A 71 -9.33 -2.68 15.61
C ALA A 71 -9.73 -1.70 14.50
N ALA A 72 -8.90 -0.68 14.27
CA ALA A 72 -9.11 0.25 13.16
C ALA A 72 -9.21 -0.52 11.82
N CYS A 73 -8.29 -1.45 11.60
CA CYS A 73 -8.38 -2.30 10.42
C CYS A 73 -9.68 -3.08 10.34
N GLN A 74 -10.13 -3.66 11.44
CA GLN A 74 -11.40 -4.41 11.42
C GLN A 74 -12.54 -3.47 11.03
N GLU A 75 -12.50 -2.27 11.58
CA GLU A 75 -13.59 -1.35 11.34
C GLU A 75 -13.61 -0.98 9.85
N LEU A 76 -12.45 -0.72 9.27
CA LEU A 76 -12.40 -0.41 7.86
C LEU A 76 -12.97 -1.55 7.04
N LEU A 77 -12.59 -2.77 7.38
CA LEU A 77 -13.04 -3.93 6.62
C LEU A 77 -14.56 -4.17 6.77
N ARG A 78 -15.09 -3.96 7.96
CA ARG A 78 -16.52 -4.09 8.13
C ARG A 78 -17.25 -3.05 7.31
N CYS A 79 -16.70 -1.84 7.17
CA CYS A 79 -17.40 -0.84 6.38
C CYS A 79 -17.22 -1.11 4.90
N ALA A 80 -16.00 -1.48 4.54
CA ALA A 80 -15.65 -1.81 3.17
C ALA A 80 -16.60 -2.83 2.57
N GLN A 81 -16.81 -3.90 3.31
CA GLN A 81 -17.49 -5.06 2.75
C GLN A 81 -19.01 -4.81 2.53
N ARG A 82 -19.55 -3.78 3.16
CA ARG A 82 -20.91 -3.37 2.91
C ARG A 82 -21.13 -2.87 1.47
N THR A 83 -20.11 -2.29 0.85
CA THR A 83 -20.23 -1.84 -0.54
C THR A 83 -19.49 -2.75 -1.51
N ALA A 84 -18.41 -3.35 -1.04
CA ALA A 84 -17.54 -4.13 -1.91
C ALA A 84 -17.69 -5.64 -1.78
N GLY A 85 -18.41 -6.12 -0.77
CA GLY A 85 -18.46 -7.54 -0.50
C GLY A 85 -17.19 -8.01 0.20
N ALA A 86 -17.19 -9.24 0.69
CA ALA A 86 -16.10 -9.75 1.52
C ALA A 86 -14.78 -9.89 0.74
N TRP A 91 -11.72 -18.99 -4.87
CA TRP A 91 -11.26 -20.34 -4.52
C TRP A 91 -9.93 -20.35 -3.75
N ASP A 92 -9.38 -21.55 -3.57
CA ASP A 92 -8.20 -21.82 -2.73
C ASP A 92 -6.91 -21.92 -3.55
N TRP A 93 -6.50 -20.82 -4.18
CA TRP A 93 -5.32 -20.81 -5.05
C TRP A 93 -4.02 -20.63 -4.27
N GLN A 94 -4.12 -20.02 -3.09
CA GLN A 94 -2.96 -19.77 -2.24
C GLN A 94 -2.36 -21.08 -1.72
N HIS A 95 -3.16 -22.15 -1.75
CA HIS A 95 -2.75 -23.45 -1.26
C HIS A 95 -1.63 -24.06 -2.12
N GLN B 5 20.83 -17.95 -1.30
CA GLN B 5 22.18 -18.11 -1.85
C GLN B 5 22.82 -16.78 -2.26
N GLU B 6 22.25 -16.13 -3.26
CA GLU B 6 22.75 -14.83 -3.73
C GLU B 6 22.19 -13.71 -2.85
N ARG B 7 22.93 -12.62 -2.72
CA ARG B 7 22.45 -11.48 -1.92
C ARG B 7 21.26 -10.80 -2.62
N PRO B 8 20.24 -10.44 -1.84
CA PRO B 8 19.06 -9.75 -2.38
C PRO B 8 19.46 -8.57 -3.27
N SER B 9 20.43 -7.77 -2.83
CA SER B 9 20.87 -6.60 -3.60
C SER B 9 21.35 -7.02 -4.98
N GLU B 10 21.94 -8.20 -5.06
CA GLU B 10 22.45 -8.70 -6.33
C GLU B 10 21.34 -9.33 -7.16
N THR B 11 20.32 -9.87 -6.50
CA THR B 11 19.16 -10.37 -7.20
C THR B 11 18.43 -9.22 -7.87
N ILE B 12 18.41 -8.07 -7.19
CA ILE B 12 17.76 -6.90 -7.76
C ILE B 12 18.55 -6.42 -8.95
N ASP B 13 19.87 -6.44 -8.84
CA ASP B 13 20.74 -6.00 -9.92
C ASP B 13 20.60 -6.88 -11.15
N ARG B 14 20.51 -8.19 -10.93
CA ARG B 14 20.37 -9.12 -12.04
C ARG B 14 18.98 -9.04 -12.69
N GLU B 15 17.95 -8.84 -11.88
CA GLU B 15 16.58 -8.87 -12.39
C GLU B 15 16.01 -7.47 -12.64
N ARG B 16 16.87 -6.46 -12.62
CA ARG B 16 16.45 -5.07 -12.78
C ARG B 16 15.46 -4.84 -13.93
N ARG B 18 13.42 -6.98 -15.51
CA ARG B 18 12.14 -7.65 -15.33
C ARG B 18 11.36 -7.01 -14.17
N LEU B 19 12.05 -6.68 -13.08
CA LEU B 19 11.42 -5.97 -11.97
C LEU B 19 10.81 -4.65 -12.43
N VAL B 20 11.56 -3.89 -13.22
CA VAL B 20 11.08 -2.59 -13.66
C VAL B 20 9.89 -2.74 -14.58
N GLU B 21 9.95 -3.74 -15.46
CA GLU B 21 8.84 -4.01 -16.36
C GLU B 21 7.57 -4.47 -15.61
N THR B 22 7.70 -5.39 -14.66
CA THR B 22 6.52 -5.98 -14.03
C THR B 22 5.94 -5.19 -12.86
N LEU B 23 6.72 -4.27 -12.28
CA LEU B 23 6.26 -3.63 -11.06
C LEU B 23 5.63 -2.26 -11.30
N GLN B 24 5.80 -1.70 -12.49
CA GLN B 24 5.43 -0.31 -12.63
C GLN B 24 3.91 -0.10 -12.68
N ALA B 25 3.17 -1.05 -13.22
CA ALA B 25 1.70 -0.94 -13.26
C ALA B 25 1.11 -0.66 -11.89
N ASP B 26 1.55 -1.43 -10.89
CA ASP B 26 1.01 -1.30 -9.55
C ASP B 26 2.01 -0.75 -8.54
N SER B 27 2.89 0.13 -8.99
CA SER B 27 4.00 0.55 -8.16
C SER B 27 3.55 1.37 -6.95
N GLY B 28 2.43 2.08 -7.09
CA GLY B 28 1.85 2.78 -5.95
C GLY B 28 1.57 1.81 -4.80
N LEU B 29 0.98 0.67 -5.11
CA LEU B 29 0.68 -0.35 -4.11
C LEU B 29 1.95 -0.91 -3.49
N LEU B 30 2.98 -1.11 -4.31
CA LEU B 30 4.26 -1.60 -3.82
C LEU B 30 4.83 -0.59 -2.84
N LEU B 31 4.80 0.69 -3.20
CA LEU B 31 5.28 1.73 -2.28
C LEU B 31 4.52 1.67 -0.96
N ASP B 32 3.20 1.49 -1.05
CA ASP B 32 2.36 1.39 0.14
C ASP B 32 2.80 0.23 1.03
N ALA B 33 2.98 -0.95 0.41
CA ALA B 33 3.36 -2.14 1.16
C ALA B 33 4.70 -1.90 1.85
N LEU B 34 5.61 -1.25 1.15
CA LEU B 34 6.96 -1.00 1.67
C LEU B 34 6.93 0.05 2.77
N LEU B 35 6.07 1.06 2.63
CA LEU B 35 5.88 2.04 3.69
C LEU B 35 5.28 1.38 4.92
N ALA B 36 4.33 0.47 4.71
CA ALA B 36 3.61 -0.12 5.84
C ALA B 36 4.55 -1.02 6.62
N ARG B 37 5.53 -1.59 5.94
CA ARG B 37 6.51 -2.45 6.58
C ARG B 37 7.72 -1.68 7.14
N GLY B 38 7.71 -0.36 7.01
CA GLY B 38 8.81 0.46 7.49
C GLY B 38 10.08 0.51 6.64
N VAL B 39 10.02 -0.04 5.43
CA VAL B 39 11.18 -0.06 4.53
C VAL B 39 11.45 1.33 3.95
N LEU B 40 10.37 2.03 3.60
CA LEU B 40 10.44 3.43 3.18
C LEU B 40 10.08 4.36 4.34
N THR B 41 10.72 5.52 4.39
CA THR B 41 10.28 6.60 5.26
C THR B 41 9.20 7.40 4.54
N GLY B 42 8.48 8.22 5.30
CA GLY B 42 7.44 9.06 4.74
C GLY B 42 7.88 9.87 3.53
N PRO B 43 8.97 10.64 3.68
CA PRO B 43 9.49 11.50 2.61
C PRO B 43 9.93 10.70 1.37
N GLU B 44 10.59 9.57 1.57
CA GLU B 44 10.93 8.69 0.44
C GLU B 44 9.65 8.27 -0.26
N TYR B 45 8.68 7.81 0.54
CA TYR B 45 7.38 7.42 0.03
C TYR B 45 6.74 8.53 -0.81
N GLU B 46 6.71 9.74 -0.26
CA GLU B 46 6.09 10.88 -0.95
C GLU B 46 6.82 11.21 -2.24
N ALA B 47 8.16 11.17 -2.19
CA ALA B 47 8.93 11.55 -3.36
C ALA B 47 8.68 10.57 -4.49
N LEU B 48 8.63 9.28 -4.14
CA LEU B 48 8.43 8.28 -5.17
C LEU B 48 6.99 8.30 -5.66
N ASP B 49 6.05 8.54 -4.75
CA ASP B 49 4.64 8.55 -5.12
C ASP B 49 4.27 9.75 -6.03
N ALA B 50 5.03 10.84 -5.92
CA ALA B 50 4.74 12.03 -6.74
C ALA B 50 5.42 12.02 -8.11
N LEU B 51 6.31 11.05 -8.33
CA LEU B 51 6.91 10.88 -9.64
C LEU B 51 5.85 10.44 -10.63
N PRO B 52 5.64 11.22 -11.69
CA PRO B 52 4.63 10.88 -12.71
C PRO B 52 5.03 9.66 -13.55
N ASP B 53 6.33 9.42 -13.69
CA ASP B 53 6.83 8.31 -14.51
C ASP B 53 6.98 7.02 -13.69
N ALA B 54 6.14 6.03 -13.99
CA ALA B 54 6.10 4.81 -13.20
C ALA B 54 7.37 3.96 -13.36
N GLU B 55 7.92 3.98 -14.56
CA GLU B 55 9.14 3.26 -14.82
C GLU B 55 10.29 3.86 -14.00
N ARG B 56 10.42 5.17 -14.00
CA ARG B 56 11.47 5.79 -13.20
C ARG B 56 11.23 5.60 -11.72
N ARG B 57 9.96 5.62 -11.33
CA ARG B 57 9.58 5.40 -9.94
C ARG B 57 10.14 4.08 -9.44
N VAL B 58 9.89 3.01 -10.20
CA VAL B 58 10.41 1.69 -9.86
C VAL B 58 11.93 1.67 -9.95
N ARG B 59 12.50 2.24 -11.02
CA ARG B 59 13.95 2.24 -11.16
C ARG B 59 14.59 2.84 -9.90
N ARG B 60 14.06 3.97 -9.43
CA ARG B 60 14.65 4.68 -8.31
C ARG B 60 14.36 3.99 -6.99
N LEU B 61 13.20 3.34 -6.92
CA LEU B 61 12.88 2.52 -5.76
C LEU B 61 13.87 1.36 -5.66
N LEU B 62 14.20 0.75 -6.79
CA LEU B 62 15.19 -0.33 -6.78
C LEU B 62 16.54 0.20 -6.26
N LEU B 63 16.98 1.35 -6.74
CA LEU B 63 18.24 1.93 -6.28
C LEU B 63 18.20 2.32 -4.79
N LEU B 64 17.07 2.87 -4.38
CA LEU B 64 16.91 3.30 -3.00
C LEU B 64 17.04 2.12 -2.02
N VAL B 65 16.38 1.00 -2.30
CA VAL B 65 16.48 -0.12 -1.38
C VAL B 65 17.85 -0.81 -1.48
N GLN B 66 18.49 -0.75 -2.64
CA GLN B 66 19.86 -1.30 -2.73
C GLN B 66 20.77 -0.53 -1.80
N GLY B 67 20.65 0.80 -1.85
CA GLY B 67 21.32 1.68 -0.92
C GLY B 67 21.01 1.40 0.54
N LYS B 68 19.76 1.05 0.86
CA LYS B 68 19.39 0.83 2.26
C LYS B 68 19.97 -0.45 2.84
N GLY B 69 20.38 -1.36 1.97
CA GLY B 69 20.95 -2.60 2.43
C GLY B 69 20.11 -3.81 2.12
N GLU B 70 20.65 -4.96 2.52
CA GLU B 70 20.14 -6.27 2.10
C GLU B 70 18.75 -6.61 2.61
N ALA B 71 18.42 -6.18 3.82
CA ALA B 71 17.11 -6.47 4.38
C ALA B 71 16.03 -5.73 3.59
N ALA B 72 16.30 -4.48 3.26
CA ALA B 72 15.39 -3.70 2.43
C ALA B 72 15.15 -4.39 1.09
N CYS B 73 16.21 -4.93 0.49
CA CYS B 73 16.09 -5.56 -0.82
C CYS B 73 15.21 -6.81 -0.73
N GLN B 74 15.41 -7.59 0.32
CA GLN B 74 14.62 -8.81 0.49
C GLN B 74 13.14 -8.47 0.64
N GLU B 75 12.86 -7.41 1.39
CA GLU B 75 11.49 -6.93 1.54
C GLU B 75 10.89 -6.52 0.20
N LEU B 76 11.68 -5.82 -0.61
CA LEU B 76 11.25 -5.41 -1.95
C LEU B 76 10.84 -6.64 -2.75
N LEU B 77 11.74 -7.61 -2.81
CA LEU B 77 11.50 -8.82 -3.56
C LEU B 77 10.27 -9.56 -3.07
N ARG B 78 10.06 -9.56 -1.76
CA ARG B 78 8.90 -10.27 -1.22
C ARG B 78 7.58 -9.57 -1.54
N CYS B 79 7.52 -8.25 -1.36
CA CYS B 79 6.29 -7.53 -1.66
C CYS B 79 5.99 -7.56 -3.15
N ALA B 80 7.03 -7.75 -3.94
CA ALA B 80 6.92 -7.65 -5.38
C ALA B 80 6.22 -8.87 -5.94
N GLN B 81 6.71 -10.06 -5.59
CA GLN B 81 6.08 -11.30 -6.01
C GLN B 81 4.69 -11.47 -5.39
N ARG B 82 4.20 -10.42 -4.72
CA ARG B 82 2.86 -10.43 -4.15
C ARG B 82 1.99 -9.30 -4.72
N THR B 83 2.61 -8.24 -5.23
CA THR B 83 1.87 -7.18 -5.89
C THR B 83 2.01 -7.34 -7.41
N ALA B 84 3.00 -8.13 -7.83
CA ALA B 84 3.17 -8.49 -9.22
C ALA B 84 2.48 -9.81 -9.51
N GLY B 85 1.75 -9.95 -10.50
#